data_4U5I
#
_entry.id   4U5I
#
_cell.length_a   75.018
_cell.length_b   75.018
_cell.length_c   256.179
_cell.angle_alpha   90.00
_cell.angle_beta   90.00
_cell.angle_gamma   90.00
#
_symmetry.space_group_name_H-M   'P 43 21 2'
#
loop_
_entity.id
_entity.type
_entity.pdbx_description
1 polymer 'Endoglucanase H'
2 branched beta-D-xylopyranose-(1-4)-beta-D-xylopyranose
3 water water
#
_entity_poly.entity_id   1
_entity_poly.type   'polypeptide(L)'
_entity_poly.pdbx_seq_one_letter_code
;MGSSHHHHHHSSGLVPRGSHMASMTGGQQMGRIEGREFSSPEALAAYREAIGAGSSNPTPTPTWTSTPPSSSPKAVDPFE
MVRKMGMGTNLGNTLEAPYEGSWSKSAMEYYFDDFKAAGYKNVRIPVRWDNHTMRTYPYTIDKAFLDRVEQVVDWSLSRG
FVTIINSHHDDWIKEDYNGNIERFEKIWEQIAERFKNKSENLLFEIMNEPFGNITDEQIDDMNSRILKIIRKTNPTRIVI
IGGGYWNSYNTLVNIKIPDDPYLIGTFHYYDPYEFTHKWRGTWGTQEDMDTVVRVFDFVKSWSDRNNIPVYFGAFAVMAY
ADRTSRVKWYDFISDAALERGFACSVWDNGVFGSLDNDMAIYNRDTRTFDTEILNALFNPGTYPSYSPKPSPTPRPTKPP
VTP
;
_entity_poly.pdbx_strand_id   A,B
#
# COMPACT_ATOMS: atom_id res chain seq x y z
N LYS A 74 13.62 -29.06 -12.53
CA LYS A 74 14.35 -27.86 -13.01
C LYS A 74 13.72 -27.30 -14.28
N ALA A 75 13.51 -25.99 -14.28
CA ALA A 75 12.91 -25.28 -15.41
C ALA A 75 13.47 -23.87 -15.34
N VAL A 76 13.04 -22.99 -16.23
CA VAL A 76 13.54 -21.62 -16.18
C VAL A 76 12.92 -20.95 -14.97
N ASP A 77 13.71 -20.19 -14.23
CA ASP A 77 13.18 -19.50 -13.04
C ASP A 77 12.80 -18.06 -13.36
N PRO A 78 11.86 -17.50 -12.59
CA PRO A 78 11.35 -16.13 -12.75
C PRO A 78 12.39 -15.07 -13.05
N PHE A 79 13.47 -15.04 -12.27
CA PHE A 79 14.51 -14.03 -12.48
C PHE A 79 15.14 -14.14 -13.85
N GLU A 80 15.29 -15.37 -14.34
CA GLU A 80 15.88 -15.58 -15.66
C GLU A 80 14.88 -15.15 -16.73
N MET A 81 13.61 -15.38 -16.47
CA MET A 81 12.55 -15.03 -17.39
C MET A 81 12.38 -13.52 -17.52
N VAL A 82 12.52 -12.82 -16.41
CA VAL A 82 12.37 -11.37 -16.40
C VAL A 82 13.51 -10.70 -17.12
N ARG A 83 14.71 -11.22 -16.95
CA ARG A 83 15.90 -10.66 -17.58
C ARG A 83 15.77 -10.84 -19.09
N LYS A 84 15.08 -11.90 -19.47
CA LYS A 84 14.87 -12.26 -20.86
C LYS A 84 13.75 -11.43 -21.49
N MET A 85 12.71 -11.14 -20.70
CA MET A 85 11.56 -10.37 -21.15
C MET A 85 11.90 -8.96 -21.57
N GLY A 86 12.85 -8.34 -20.85
CA GLY A 86 13.26 -6.98 -21.13
C GLY A 86 12.08 -6.05 -21.34
N MET A 87 12.22 -5.18 -22.36
CA MET A 87 11.20 -4.21 -22.74
C MET A 87 10.34 -4.81 -23.83
N GLY A 88 9.03 -4.73 -23.67
CA GLY A 88 8.13 -5.28 -24.67
C GLY A 88 6.96 -4.35 -24.97
N THR A 89 5.95 -4.91 -25.60
CA THR A 89 4.80 -4.11 -25.96
C THR A 89 3.49 -4.85 -25.73
N ASN A 90 2.41 -4.10 -25.66
CA ASN A 90 1.09 -4.67 -25.47
C ASN A 90 0.42 -4.71 -26.83
N LEU A 91 -0.45 -5.69 -27.01
CA LEU A 91 -1.24 -5.77 -28.24
C LEU A 91 -2.61 -5.28 -27.73
N GLY A 92 -2.64 -4.04 -27.26
CA GLY A 92 -3.86 -3.47 -26.71
C GLY A 92 -5.08 -3.34 -27.59
N ASN A 93 -6.22 -3.15 -26.93
CA ASN A 93 -7.52 -2.98 -27.58
C ASN A 93 -7.78 -3.94 -28.73
N THR A 94 -7.30 -5.18 -28.56
CA THR A 94 -7.48 -6.20 -29.57
C THR A 94 -8.32 -7.36 -29.04
N LEU A 95 -7.67 -8.39 -28.51
CA LEU A 95 -8.40 -9.53 -27.98
C LEU A 95 -9.09 -9.29 -26.65
N GLU A 96 -8.90 -8.11 -26.06
CA GLU A 96 -9.56 -7.82 -24.79
C GLU A 96 -10.76 -6.92 -25.06
N ALA A 97 -10.98 -6.57 -26.32
CA ALA A 97 -12.15 -5.78 -26.65
C ALA A 97 -13.29 -6.76 -26.44
N PRO A 98 -14.55 -6.30 -26.53
CA PRO A 98 -15.65 -7.25 -26.33
C PRO A 98 -15.59 -8.36 -27.37
N TYR A 99 -15.26 -7.97 -28.60
CA TYR A 99 -15.11 -8.92 -29.71
C TYR A 99 -13.91 -8.42 -30.48
N GLU A 100 -13.06 -9.34 -30.93
CA GLU A 100 -11.87 -8.93 -31.66
C GLU A 100 -12.28 -8.06 -32.84
N GLY A 101 -11.59 -6.94 -33.02
CA GLY A 101 -11.90 -6.05 -34.12
C GLY A 101 -12.85 -4.92 -33.78
N SER A 102 -13.73 -5.15 -32.80
CA SER A 102 -14.70 -4.13 -32.40
C SER A 102 -14.04 -2.84 -31.94
N TRP A 103 -12.78 -2.92 -31.55
CA TRP A 103 -12.05 -1.72 -31.12
C TRP A 103 -10.93 -1.44 -32.10
N SER A 104 -9.71 -1.85 -31.79
CA SER A 104 -8.61 -1.63 -32.71
C SER A 104 -8.49 -2.80 -33.67
N LYS A 105 -7.79 -2.57 -34.77
CA LYS A 105 -7.62 -3.59 -35.80
C LYS A 105 -7.19 -4.91 -35.20
N SER A 106 -7.85 -5.99 -35.60
CA SER A 106 -7.52 -7.31 -35.06
C SER A 106 -6.12 -7.81 -35.40
N ALA A 107 -5.69 -8.82 -34.65
CA ALA A 107 -4.37 -9.41 -34.78
C ALA A 107 -3.99 -9.93 -36.18
N MET A 108 -2.84 -9.50 -36.67
CA MET A 108 -2.34 -9.94 -37.96
C MET A 108 -0.94 -10.44 -37.67
N GLU A 109 -0.55 -11.51 -38.36
CA GLU A 109 0.77 -12.07 -38.17
C GLU A 109 1.91 -11.06 -38.39
N TYR A 110 1.80 -10.21 -39.38
CA TYR A 110 2.89 -9.25 -39.61
C TYR A 110 3.12 -8.28 -38.44
N TYR A 111 2.16 -8.18 -37.52
CA TYR A 111 2.33 -7.29 -36.37
C TYR A 111 3.61 -7.71 -35.67
N PHE A 112 3.68 -9.01 -35.40
CA PHE A 112 4.80 -9.66 -34.73
C PHE A 112 6.13 -9.56 -35.47
N ASP A 113 6.09 -9.44 -36.79
CA ASP A 113 7.33 -9.30 -37.56
C ASP A 113 7.84 -7.90 -37.28
N ASP A 114 6.93 -6.94 -37.26
CA ASP A 114 7.30 -5.55 -37.01
C ASP A 114 7.76 -5.35 -35.57
N PHE A 115 7.06 -5.95 -34.62
CA PHE A 115 7.47 -5.84 -33.22
C PHE A 115 8.89 -6.37 -33.09
N LYS A 116 9.13 -7.50 -33.73
CA LYS A 116 10.45 -8.11 -33.70
C LYS A 116 11.46 -7.16 -34.33
N ALA A 117 11.15 -6.66 -35.51
CA ALA A 117 12.06 -5.74 -36.18
C ALA A 117 12.24 -4.48 -35.36
N ALA A 118 11.30 -4.22 -34.46
CA ALA A 118 11.37 -3.00 -33.64
C ALA A 118 12.22 -3.13 -32.38
N GLY A 119 12.47 -4.36 -31.93
CA GLY A 119 13.29 -4.53 -30.74
C GLY A 119 12.55 -5.12 -29.54
N TYR A 120 11.22 -5.07 -29.55
CA TYR A 120 10.46 -5.62 -28.45
C TYR A 120 10.94 -7.03 -28.15
N LYS A 121 10.99 -7.38 -26.87
CA LYS A 121 11.44 -8.69 -26.44
C LYS A 121 10.29 -9.50 -25.90
N ASN A 122 9.14 -8.87 -25.73
CA ASN A 122 7.98 -9.57 -25.21
C ASN A 122 6.70 -8.95 -25.73
N VAL A 123 5.63 -9.73 -25.71
CA VAL A 123 4.33 -9.24 -26.15
C VAL A 123 3.26 -9.73 -25.20
N ARG A 124 2.55 -8.77 -24.59
CA ARG A 124 1.47 -9.08 -23.68
C ARG A 124 0.22 -9.06 -24.54
N ILE A 125 -0.61 -10.08 -24.42
CA ILE A 125 -1.81 -10.19 -25.21
C ILE A 125 -3.09 -10.25 -24.36
N PRO A 126 -3.68 -9.08 -24.08
CA PRO A 126 -4.90 -9.04 -23.27
C PRO A 126 -6.00 -9.85 -23.94
N VAL A 127 -6.80 -10.52 -23.12
CA VAL A 127 -7.90 -11.31 -23.65
C VAL A 127 -9.10 -11.24 -22.71
N ARG A 128 -10.26 -10.91 -23.27
CA ARG A 128 -11.48 -10.85 -22.48
C ARG A 128 -12.23 -12.11 -22.86
N TRP A 129 -12.33 -13.05 -21.92
CA TRP A 129 -13.02 -14.31 -22.22
C TRP A 129 -14.53 -14.22 -22.13
N ASP A 130 -15.04 -13.22 -21.42
CA ASP A 130 -16.48 -13.08 -21.23
C ASP A 130 -17.38 -13.47 -22.40
N ASN A 131 -17.23 -12.82 -23.55
CA ASN A 131 -18.13 -13.12 -24.66
C ASN A 131 -17.79 -14.32 -25.54
N HIS A 132 -16.83 -15.13 -25.12
CA HIS A 132 -16.46 -16.31 -25.89
C HIS A 132 -16.65 -17.55 -25.02
N THR A 133 -17.09 -17.31 -23.80
CA THR A 133 -17.30 -18.37 -22.83
C THR A 133 -18.79 -18.40 -22.52
N MET A 134 -19.33 -19.60 -22.31
CA MET A 134 -20.75 -19.72 -21.99
C MET A 134 -21.03 -18.97 -20.70
N ARG A 135 -22.22 -18.40 -20.60
CA ARG A 135 -22.61 -17.67 -19.40
C ARG A 135 -23.16 -18.61 -18.32
N THR A 136 -23.41 -19.87 -18.67
CA THR A 136 -23.91 -20.84 -17.70
C THR A 136 -23.05 -22.09 -17.69
N TYR A 137 -23.12 -22.86 -16.61
CA TYR A 137 -22.34 -24.09 -16.51
C TYR A 137 -22.54 -24.86 -17.80
N PRO A 138 -21.50 -25.56 -18.30
CA PRO A 138 -20.14 -25.72 -17.77
C PRO A 138 -19.14 -24.63 -18.20
N TYR A 139 -19.64 -23.44 -18.53
CA TYR A 139 -18.78 -22.32 -18.90
C TYR A 139 -17.73 -22.66 -19.95
N THR A 140 -18.13 -23.40 -20.98
CA THR A 140 -17.21 -23.77 -22.05
C THR A 140 -16.81 -22.57 -22.91
N ILE A 141 -15.54 -22.51 -23.28
CA ILE A 141 -15.01 -21.44 -24.14
C ILE A 141 -15.21 -21.91 -25.59
N ASP A 142 -15.64 -21.02 -26.47
CA ASP A 142 -15.82 -21.43 -27.87
C ASP A 142 -14.51 -22.02 -28.38
N LYS A 143 -14.59 -23.19 -28.98
CA LYS A 143 -13.39 -23.82 -29.50
C LYS A 143 -12.78 -22.85 -30.51
N ALA A 144 -13.67 -22.25 -31.30
CA ALA A 144 -13.26 -21.30 -32.32
C ALA A 144 -12.41 -20.18 -31.74
N PHE A 145 -12.78 -19.66 -30.57
CA PHE A 145 -12.00 -18.58 -29.97
C PHE A 145 -10.65 -19.09 -29.43
N LEU A 146 -10.65 -20.25 -28.78
CA LEU A 146 -9.42 -20.81 -28.26
C LEU A 146 -8.45 -21.03 -29.41
N ASP A 147 -8.97 -21.49 -30.55
CA ASP A 147 -8.12 -21.71 -31.72
C ASP A 147 -7.50 -20.39 -32.12
N ARG A 148 -8.32 -19.34 -32.10
CA ARG A 148 -7.88 -18.00 -32.48
C ARG A 148 -6.77 -17.48 -31.59
N VAL A 149 -6.94 -17.62 -30.28
CA VAL A 149 -5.92 -17.15 -29.36
C VAL A 149 -4.64 -17.97 -29.53
N GLU A 150 -4.79 -19.27 -29.79
CA GLU A 150 -3.62 -20.11 -29.95
C GLU A 150 -2.83 -19.70 -31.21
N GLN A 151 -3.57 -19.36 -32.26
CA GLN A 151 -2.95 -18.92 -33.51
C GLN A 151 -2.07 -17.69 -33.26
N VAL A 152 -2.62 -16.74 -32.51
CA VAL A 152 -1.92 -15.49 -32.21
C VAL A 152 -0.73 -15.73 -31.30
N VAL A 153 -0.92 -16.61 -30.31
CA VAL A 153 0.14 -16.95 -29.36
C VAL A 153 1.31 -17.58 -30.11
N ASP A 154 1.01 -18.56 -30.96
CA ASP A 154 2.04 -19.23 -31.73
C ASP A 154 2.81 -18.28 -32.65
N TRP A 155 2.16 -17.22 -33.13
CA TRP A 155 2.85 -16.29 -33.98
C TRP A 155 3.91 -15.63 -33.14
N SER A 156 3.51 -15.28 -31.92
CA SER A 156 4.38 -14.61 -30.97
C SER A 156 5.51 -15.53 -30.52
N LEU A 157 5.15 -16.74 -30.09
CA LEU A 157 6.16 -17.68 -29.63
C LEU A 157 7.14 -18.08 -30.74
N SER A 158 6.63 -18.28 -31.95
CA SER A 158 7.50 -18.68 -33.04
C SER A 158 8.53 -17.61 -33.37
N ARG A 159 8.31 -16.38 -32.94
CA ARG A 159 9.25 -15.33 -33.23
C ARG A 159 10.18 -15.01 -32.07
N GLY A 160 10.18 -15.87 -31.07
CA GLY A 160 11.05 -15.70 -29.92
C GLY A 160 10.63 -14.72 -28.86
N PHE A 161 9.37 -14.28 -28.90
CA PHE A 161 8.88 -13.32 -27.91
C PHE A 161 8.44 -14.01 -26.62
N VAL A 162 8.73 -13.40 -25.48
CA VAL A 162 8.21 -13.97 -24.26
C VAL A 162 6.78 -13.46 -24.43
N THR A 163 5.80 -14.37 -24.44
CA THR A 163 4.41 -14.01 -24.66
C THR A 163 3.57 -14.13 -23.40
N ILE A 164 2.75 -13.12 -23.15
CA ILE A 164 1.89 -13.13 -21.96
C ILE A 164 0.42 -13.08 -22.35
N ILE A 165 -0.39 -13.97 -21.78
CA ILE A 165 -1.82 -13.94 -22.02
C ILE A 165 -2.48 -13.84 -20.65
N ASN A 166 -3.70 -13.33 -20.59
CA ASN A 166 -4.35 -13.18 -19.30
C ASN A 166 -5.86 -13.15 -19.43
N SER A 167 -6.46 -12.48 -18.45
CA SER A 167 -7.88 -12.24 -18.38
C SER A 167 -7.83 -10.74 -18.27
N HIS A 168 -8.54 -10.05 -19.15
CA HIS A 168 -8.52 -8.60 -19.18
C HIS A 168 -9.93 -8.09 -19.46
N HIS A 169 -10.42 -7.24 -18.57
CA HIS A 169 -11.76 -6.65 -18.70
C HIS A 169 -12.87 -7.64 -18.41
N ASP A 170 -12.53 -8.74 -17.74
CA ASP A 170 -13.53 -9.73 -17.37
C ASP A 170 -14.05 -9.29 -15.99
N ASP A 171 -14.59 -8.09 -15.95
CA ASP A 171 -15.09 -7.48 -14.73
C ASP A 171 -16.24 -8.23 -14.06
N TRP A 172 -16.98 -9.02 -14.82
CA TRP A 172 -18.09 -9.78 -14.25
C TRP A 172 -17.62 -10.51 -13.00
N ILE A 173 -16.36 -10.95 -13.01
CA ILE A 173 -15.82 -11.67 -11.86
C ILE A 173 -15.79 -10.81 -10.61
N LYS A 174 -15.59 -9.51 -10.78
CA LYS A 174 -15.56 -8.59 -9.64
C LYS A 174 -16.96 -8.19 -9.19
N GLU A 175 -17.92 -8.20 -10.11
CA GLU A 175 -19.29 -7.82 -9.80
C GLU A 175 -19.97 -8.79 -8.85
N ASP A 176 -19.42 -9.98 -8.72
CA ASP A 176 -20.01 -10.98 -7.84
C ASP A 176 -19.06 -12.15 -7.73
N TYR A 177 -18.01 -11.96 -6.92
CA TYR A 177 -16.99 -12.98 -6.74
C TYR A 177 -17.51 -14.39 -6.48
N ASN A 178 -18.29 -14.54 -5.42
CA ASN A 178 -18.83 -15.85 -5.06
C ASN A 178 -19.61 -16.50 -6.20
N GLY A 179 -20.46 -15.72 -6.84
CA GLY A 179 -21.27 -16.25 -7.93
C GLY A 179 -20.53 -16.55 -9.22
N ASN A 180 -19.49 -15.78 -9.53
CA ASN A 180 -18.77 -16.00 -10.78
C ASN A 180 -17.38 -16.65 -10.67
N ILE A 181 -16.91 -16.94 -9.47
CA ILE A 181 -15.59 -17.55 -9.36
C ILE A 181 -15.44 -18.91 -10.03
N GLU A 182 -16.52 -19.70 -10.06
CA GLU A 182 -16.41 -21.00 -10.72
C GLU A 182 -16.23 -20.87 -12.22
N ARG A 183 -16.97 -19.96 -12.84
CA ARG A 183 -16.85 -19.73 -14.27
C ARG A 183 -15.43 -19.27 -14.57
N PHE A 184 -14.87 -18.49 -13.65
CA PHE A 184 -13.52 -17.98 -13.82
C PHE A 184 -12.55 -19.14 -13.72
N GLU A 185 -12.83 -20.09 -12.82
CA GLU A 185 -11.97 -21.25 -12.69
C GLU A 185 -12.04 -22.10 -13.94
N LYS A 186 -13.26 -22.37 -14.42
CA LYS A 186 -13.40 -23.18 -15.62
C LYS A 186 -12.70 -22.52 -16.80
N ILE A 187 -12.82 -21.20 -16.89
CA ILE A 187 -12.16 -20.50 -17.96
C ILE A 187 -10.67 -20.79 -17.87
N TRP A 188 -10.08 -20.53 -16.70
CA TRP A 188 -8.67 -20.80 -16.52
C TRP A 188 -8.32 -22.28 -16.63
N GLU A 189 -9.28 -23.15 -16.31
CA GLU A 189 -9.04 -24.59 -16.40
C GLU A 189 -8.77 -24.94 -17.87
N GLN A 190 -9.64 -24.47 -18.74
CA GLN A 190 -9.55 -24.70 -20.17
C GLN A 190 -8.33 -24.06 -20.84
N ILE A 191 -7.95 -22.87 -20.38
CA ILE A 191 -6.79 -22.18 -20.95
C ILE A 191 -5.54 -22.98 -20.64
N ALA A 192 -5.36 -23.30 -19.36
CA ALA A 192 -4.20 -24.06 -18.90
C ALA A 192 -4.08 -25.37 -19.65
N GLU A 193 -5.22 -26.02 -19.86
CA GLU A 193 -5.27 -27.29 -20.57
C GLU A 193 -4.77 -27.12 -21.99
N ARG A 194 -5.45 -26.25 -22.72
CA ARG A 194 -5.14 -25.98 -24.11
C ARG A 194 -3.72 -25.52 -24.42
N PHE A 195 -3.08 -24.83 -23.47
CA PHE A 195 -1.71 -24.35 -23.70
C PHE A 195 -0.65 -25.03 -22.84
N LYS A 196 -1.03 -26.13 -22.19
CA LYS A 196 -0.12 -26.85 -21.30
C LYS A 196 1.21 -27.26 -21.89
N ASN A 197 1.27 -27.42 -23.21
CA ASN A 197 2.51 -27.84 -23.85
C ASN A 197 3.25 -26.75 -24.57
N LYS A 198 2.85 -25.49 -24.36
CA LYS A 198 3.53 -24.38 -25.03
C LYS A 198 4.90 -24.13 -24.41
N SER A 199 5.74 -23.42 -25.15
CA SER A 199 7.07 -23.06 -24.69
C SER A 199 7.01 -22.41 -23.31
N GLU A 200 8.14 -22.42 -22.60
CA GLU A 200 8.26 -21.82 -21.28
C GLU A 200 8.05 -20.32 -21.40
N ASN A 201 8.18 -19.81 -22.62
CA ASN A 201 8.06 -18.40 -22.89
C ASN A 201 6.65 -17.84 -22.91
N LEU A 202 5.67 -18.73 -22.78
CA LEU A 202 4.28 -18.32 -22.72
C LEU A 202 3.97 -18.26 -21.22
N LEU A 203 3.62 -17.08 -20.73
CA LEU A 203 3.32 -16.93 -19.30
C LEU A 203 1.83 -16.70 -19.06
N PHE A 204 1.33 -17.21 -17.94
CA PHE A 204 -0.08 -17.03 -17.58
C PHE A 204 -0.28 -15.92 -16.56
N GLU A 205 -0.91 -14.82 -16.97
CA GLU A 205 -1.19 -13.74 -16.04
C GLU A 205 -2.65 -13.93 -15.64
N ILE A 206 -2.86 -14.24 -14.37
CA ILE A 206 -4.19 -14.50 -13.81
C ILE A 206 -5.29 -13.48 -14.13
N MET A 207 -5.05 -12.22 -13.81
CA MET A 207 -6.04 -11.19 -14.05
C MET A 207 -5.37 -9.83 -14.14
N ASN A 208 -5.69 -9.11 -15.20
CA ASN A 208 -5.13 -7.80 -15.48
C ASN A 208 -4.91 -6.84 -14.30
N GLU A 209 -5.97 -6.25 -13.81
CA GLU A 209 -5.85 -5.31 -12.70
C GLU A 209 -6.73 -5.78 -11.54
N PRO A 210 -6.24 -6.80 -10.81
CA PRO A 210 -6.90 -7.44 -9.67
C PRO A 210 -7.41 -6.53 -8.55
N PHE A 211 -6.72 -5.42 -8.31
CA PHE A 211 -7.12 -4.49 -7.26
C PHE A 211 -8.30 -3.63 -7.69
N GLY A 212 -9.18 -3.33 -6.75
CA GLY A 212 -10.33 -2.52 -7.09
C GLY A 212 -11.62 -2.92 -6.40
N ASN A 213 -12.64 -3.22 -7.19
CA ASN A 213 -13.94 -3.60 -6.64
C ASN A 213 -14.01 -5.03 -6.13
N ILE A 214 -12.99 -5.44 -5.38
CA ILE A 214 -12.91 -6.78 -4.81
C ILE A 214 -12.06 -6.69 -3.54
N THR A 215 -12.41 -7.46 -2.53
CA THR A 215 -11.68 -7.41 -1.27
C THR A 215 -10.30 -8.05 -1.36
N ASP A 216 -9.42 -7.65 -0.45
CA ASP A 216 -8.05 -8.17 -0.42
C ASP A 216 -8.02 -9.66 -0.16
N GLU A 217 -9.03 -10.17 0.55
CA GLU A 217 -9.11 -11.60 0.87
C GLU A 217 -9.51 -12.40 -0.37
N GLN A 218 -10.46 -11.87 -1.13
CA GLN A 218 -10.93 -12.52 -2.36
C GLN A 218 -9.81 -12.56 -3.41
N ILE A 219 -9.02 -11.48 -3.48
CA ILE A 219 -7.91 -11.40 -4.43
C ILE A 219 -6.95 -12.55 -4.14
N ASP A 220 -6.64 -12.72 -2.86
CA ASP A 220 -5.72 -13.76 -2.40
C ASP A 220 -6.28 -15.15 -2.65
N ASP A 221 -7.58 -15.29 -2.44
CA ASP A 221 -8.28 -16.55 -2.65
C ASP A 221 -8.23 -16.90 -4.14
N MET A 222 -8.47 -15.90 -4.99
CA MET A 222 -8.46 -16.10 -6.43
C MET A 222 -7.11 -16.58 -6.94
N ASN A 223 -6.04 -15.94 -6.50
CA ASN A 223 -4.72 -16.32 -6.96
C ASN A 223 -4.39 -17.73 -6.54
N SER A 224 -4.70 -18.07 -5.29
CA SER A 224 -4.42 -19.41 -4.81
C SER A 224 -5.17 -20.45 -5.63
N ARG A 225 -6.46 -20.25 -5.82
CA ARG A 225 -7.22 -21.23 -6.59
C ARG A 225 -6.92 -21.24 -8.10
N ILE A 226 -6.71 -20.09 -8.72
CA ILE A 226 -6.43 -20.13 -10.15
C ILE A 226 -5.02 -20.72 -10.35
N LEU A 227 -4.10 -20.41 -9.45
CA LEU A 227 -2.74 -20.94 -9.53
C LEU A 227 -2.75 -22.46 -9.36
N LYS A 228 -3.57 -22.95 -8.42
CA LYS A 228 -3.67 -24.38 -8.18
C LYS A 228 -4.23 -25.10 -9.40
N ILE A 229 -5.17 -24.48 -10.09
CA ILE A 229 -5.74 -25.07 -11.31
C ILE A 229 -4.62 -25.19 -12.35
N ILE A 230 -3.92 -24.09 -12.55
CA ILE A 230 -2.83 -24.03 -13.52
C ILE A 230 -1.76 -25.09 -13.28
N ARG A 231 -1.36 -25.24 -12.02
CA ARG A 231 -0.32 -26.20 -11.64
C ARG A 231 -0.57 -27.68 -11.97
N LYS A 232 -1.84 -28.08 -11.98
CA LYS A 232 -2.17 -29.47 -12.30
C LYS A 232 -1.67 -29.85 -13.69
N THR A 233 -1.82 -28.95 -14.66
CA THR A 233 -1.38 -29.22 -16.02
C THR A 233 -0.09 -28.48 -16.39
N ASN A 234 0.19 -27.39 -15.68
CA ASN A 234 1.39 -26.60 -15.95
C ASN A 234 2.20 -26.51 -14.64
N PRO A 235 2.94 -27.58 -14.32
CA PRO A 235 3.74 -27.63 -13.09
C PRO A 235 4.83 -26.58 -12.89
N THR A 236 5.41 -26.10 -13.98
CA THR A 236 6.49 -25.13 -13.87
C THR A 236 6.35 -23.83 -14.67
N ARG A 237 5.24 -23.66 -15.34
CA ARG A 237 5.04 -22.45 -16.13
C ARG A 237 4.93 -21.23 -15.21
N ILE A 238 5.65 -20.17 -15.54
CA ILE A 238 5.63 -18.99 -14.71
C ILE A 238 4.29 -18.27 -14.78
N VAL A 239 3.72 -18.03 -13.60
CA VAL A 239 2.45 -17.36 -13.47
C VAL A 239 2.69 -15.95 -12.96
N ILE A 240 1.91 -15.01 -13.46
CA ILE A 240 2.04 -13.62 -13.04
C ILE A 240 0.85 -13.21 -12.18
N ILE A 241 1.11 -12.66 -10.99
CA ILE A 241 0.01 -12.22 -10.14
C ILE A 241 0.28 -10.78 -9.70
N GLY A 242 -0.78 -10.09 -9.31
CA GLY A 242 -0.62 -8.73 -8.86
C GLY A 242 0.26 -8.68 -7.63
N GLY A 243 1.26 -7.80 -7.64
CA GLY A 243 2.13 -7.67 -6.50
C GLY A 243 1.67 -6.46 -5.71
N GLY A 244 1.06 -5.52 -6.43
CA GLY A 244 0.56 -4.30 -5.82
C GLY A 244 0.29 -3.24 -6.88
N TYR A 245 0.14 -2.00 -6.43
CA TYR A 245 -0.12 -0.89 -7.34
C TYR A 245 0.43 0.38 -6.72
N TRP A 246 0.42 1.45 -7.50
CA TRP A 246 0.91 2.74 -7.03
C TRP A 246 0.08 3.85 -7.63
N ASN A 247 0.24 5.05 -7.06
CA ASN A 247 -0.42 6.26 -7.51
C ASN A 247 0.45 7.39 -6.96
N SER A 248 0.05 8.65 -7.18
CA SER A 248 0.84 9.78 -6.71
C SER A 248 0.90 9.91 -5.19
N TYR A 249 0.01 9.25 -4.46
CA TYR A 249 0.00 9.37 -3.01
C TYR A 249 0.56 8.18 -2.23
N ASN A 250 0.41 6.98 -2.77
CA ASN A 250 0.90 5.83 -2.05
C ASN A 250 1.21 4.64 -2.94
N THR A 251 1.81 3.62 -2.34
CA THR A 251 2.15 2.39 -3.02
C THR A 251 1.72 1.27 -2.11
N LEU A 252 1.13 0.23 -2.68
CA LEU A 252 0.68 -0.92 -1.90
C LEU A 252 1.30 -2.18 -2.46
N VAL A 253 1.86 -3.02 -1.60
CA VAL A 253 2.48 -4.25 -2.03
C VAL A 253 1.88 -5.43 -1.27
N ASN A 254 1.82 -6.59 -1.91
CA ASN A 254 1.27 -7.77 -1.27
C ASN A 254 2.26 -8.44 -0.33
N ILE A 255 1.78 -8.82 0.84
CA ILE A 255 2.61 -9.48 1.84
C ILE A 255 2.33 -10.96 1.69
N LYS A 256 1.09 -11.27 1.30
CA LYS A 256 0.64 -12.64 1.10
C LYS A 256 0.99 -13.17 -0.29
N ILE A 257 2.14 -13.82 -0.39
CA ILE A 257 2.57 -14.39 -1.66
C ILE A 257 2.44 -15.90 -1.65
N PRO A 258 1.78 -16.46 -2.67
CA PRO A 258 1.63 -17.91 -2.71
C PRO A 258 3.00 -18.58 -2.64
N ASP A 259 3.02 -19.79 -2.10
CA ASP A 259 4.27 -20.51 -1.98
C ASP A 259 4.52 -21.32 -3.26
N ASP A 260 5.13 -20.66 -4.23
CA ASP A 260 5.41 -21.26 -5.53
C ASP A 260 6.72 -20.68 -6.05
N PRO A 261 7.55 -21.50 -6.70
CA PRO A 261 8.82 -21.01 -7.23
C PRO A 261 8.75 -20.40 -8.63
N TYR A 262 7.57 -20.37 -9.22
CA TYR A 262 7.44 -19.83 -10.57
C TYR A 262 6.46 -18.66 -10.71
N LEU A 263 6.66 -17.63 -9.89
CA LEU A 263 5.81 -16.45 -9.91
C LEU A 263 6.58 -15.17 -10.22
N ILE A 264 5.88 -14.24 -10.88
CA ILE A 264 6.41 -12.92 -11.20
C ILE A 264 5.34 -11.98 -10.66
N GLY A 265 5.77 -10.86 -10.09
CA GLY A 265 4.81 -9.90 -9.56
C GLY A 265 4.64 -8.73 -10.51
N THR A 266 3.41 -8.29 -10.68
CA THR A 266 3.19 -7.17 -11.57
C THR A 266 2.47 -6.01 -10.88
N PHE A 267 2.85 -4.80 -11.26
CA PHE A 267 2.26 -3.59 -10.68
C PHE A 267 1.73 -2.69 -11.78
N HIS A 268 0.61 -2.04 -11.50
CA HIS A 268 -0.02 -1.12 -12.43
C HIS A 268 -0.36 0.13 -11.65
N TYR A 269 -0.60 1.22 -12.35
CA TYR A 269 -0.97 2.44 -11.67
C TYR A 269 -2.44 2.27 -11.28
N TYR A 270 -2.74 2.52 -10.01
CA TYR A 270 -4.12 2.41 -9.55
C TYR A 270 -4.42 3.53 -8.56
N ASP A 271 -5.61 4.10 -8.69
CA ASP A 271 -6.06 5.21 -7.85
C ASP A 271 -7.50 4.97 -7.41
N PRO A 272 -7.69 4.43 -6.19
CA PRO A 272 -9.03 4.14 -5.65
C PRO A 272 -9.96 5.36 -5.66
N TYR A 273 -9.40 6.55 -5.88
CA TYR A 273 -10.20 7.77 -5.88
C TYR A 273 -10.19 8.54 -7.21
N GLU A 274 -10.71 7.92 -8.25
CA GLU A 274 -10.80 8.53 -9.57
C GLU A 274 -11.96 9.53 -9.57
N PHE A 275 -12.91 9.30 -8.66
CA PHE A 275 -14.12 10.12 -8.51
C PHE A 275 -15.12 9.82 -9.62
N GLY A 281 -4.39 18.59 -14.52
CA GLY A 281 -3.08 18.10 -14.10
C GLY A 281 -2.16 17.81 -15.27
N THR A 282 -2.27 16.60 -15.81
CA THR A 282 -1.46 16.14 -16.95
C THR A 282 -0.04 15.72 -16.51
N TRP A 283 0.33 14.48 -16.85
CA TRP A 283 1.62 13.90 -16.48
C TRP A 283 2.87 14.36 -17.24
N GLY A 284 4.03 14.01 -16.67
CA GLY A 284 5.29 14.33 -17.28
C GLY A 284 6.19 15.30 -16.54
N THR A 285 5.72 15.81 -15.41
CA THR A 285 6.50 16.78 -14.64
C THR A 285 7.73 16.20 -13.96
N GLN A 286 8.47 17.09 -13.31
CA GLN A 286 9.67 16.73 -12.57
C GLN A 286 9.25 15.86 -11.38
N GLU A 287 8.36 16.40 -10.55
CA GLU A 287 7.87 15.69 -9.38
C GLU A 287 7.36 14.29 -9.74
N ASP A 288 6.60 14.19 -10.84
CA ASP A 288 6.07 12.90 -11.25
C ASP A 288 7.19 11.86 -11.36
N MET A 289 8.34 12.27 -11.90
CA MET A 289 9.46 11.37 -12.05
C MET A 289 10.00 10.98 -10.68
N ASP A 290 10.01 11.93 -9.75
CA ASP A 290 10.54 11.64 -8.42
C ASP A 290 9.61 10.67 -7.70
N THR A 291 8.32 10.72 -8.05
CA THR A 291 7.32 9.85 -7.46
C THR A 291 7.50 8.43 -7.95
N VAL A 292 7.76 8.29 -9.25
CA VAL A 292 7.96 6.99 -9.85
C VAL A 292 9.25 6.35 -9.35
N VAL A 293 10.33 7.12 -9.24
CA VAL A 293 11.58 6.54 -8.76
C VAL A 293 11.39 6.05 -7.34
N ARG A 294 10.47 6.69 -6.63
CA ARG A 294 10.19 6.33 -5.25
C ARG A 294 9.45 5.01 -5.25
N VAL A 295 8.38 4.97 -6.03
CA VAL A 295 7.57 3.77 -6.16
C VAL A 295 8.47 2.60 -6.57
N PHE A 296 9.29 2.85 -7.58
CA PHE A 296 10.20 1.84 -8.13
C PHE A 296 11.19 1.31 -7.13
N ASP A 297 11.68 2.18 -6.25
CA ASP A 297 12.63 1.72 -5.25
C ASP A 297 11.93 0.88 -4.19
N PHE A 298 10.71 1.26 -3.84
CA PHE A 298 9.97 0.51 -2.84
C PHE A 298 9.63 -0.87 -3.41
N VAL A 299 9.16 -0.90 -4.65
CA VAL A 299 8.81 -2.17 -5.32
C VAL A 299 10.06 -3.04 -5.41
N LYS A 300 11.18 -2.41 -5.75
CA LYS A 300 12.45 -3.11 -5.84
C LYS A 300 12.78 -3.77 -4.50
N SER A 301 12.59 -3.04 -3.41
CA SER A 301 12.87 -3.57 -2.06
C SER A 301 11.92 -4.72 -1.81
N TRP A 302 10.69 -4.57 -2.28
CA TRP A 302 9.68 -5.60 -2.11
C TRP A 302 10.19 -6.84 -2.87
N SER A 303 10.66 -6.61 -4.07
CA SER A 303 11.17 -7.65 -4.94
C SER A 303 12.35 -8.42 -4.34
N ASP A 304 13.29 -7.70 -3.76
CA ASP A 304 14.46 -8.34 -3.16
C ASP A 304 14.08 -9.06 -1.88
N ARG A 305 13.15 -8.48 -1.13
CA ARG A 305 12.75 -9.08 0.13
C ARG A 305 11.98 -10.38 -0.07
N ASN A 306 11.04 -10.39 -1.00
CA ASN A 306 10.23 -11.59 -1.25
C ASN A 306 10.83 -12.53 -2.29
N ASN A 307 12.00 -12.18 -2.81
CA ASN A 307 12.67 -13.01 -3.81
C ASN A 307 11.76 -13.26 -5.01
N ILE A 308 11.09 -12.20 -5.47
CA ILE A 308 10.17 -12.29 -6.61
C ILE A 308 10.36 -11.16 -7.64
N PRO A 309 10.70 -11.51 -8.89
CA PRO A 309 10.91 -10.50 -9.93
C PRO A 309 9.71 -9.58 -10.15
N VAL A 310 9.95 -8.47 -10.82
CA VAL A 310 8.92 -7.46 -11.08
C VAL A 310 8.62 -7.28 -12.55
N TYR A 311 7.34 -7.00 -12.84
CA TYR A 311 6.87 -6.79 -14.20
C TYR A 311 5.81 -5.69 -14.31
N PHE A 312 6.15 -4.59 -14.99
CA PHE A 312 5.18 -3.53 -15.21
C PHE A 312 4.54 -3.82 -16.57
N GLY A 313 3.46 -4.61 -16.52
CA GLY A 313 2.76 -5.03 -17.72
C GLY A 313 2.10 -4.00 -18.62
N ALA A 314 1.92 -2.79 -18.14
CA ALA A 314 1.31 -1.74 -18.96
C ALA A 314 1.60 -0.36 -18.42
N PHE A 315 2.78 0.17 -18.73
CA PHE A 315 3.16 1.50 -18.25
C PHE A 315 2.95 2.56 -19.31
N ALA A 316 2.95 3.81 -18.87
CA ALA A 316 2.75 4.96 -19.75
C ALA A 316 1.31 5.05 -20.26
N VAL A 317 0.36 4.83 -19.36
CA VAL A 317 -1.04 4.90 -19.73
C VAL A 317 -1.58 6.22 -19.19
N MET A 318 -1.01 7.32 -19.64
CA MET A 318 -1.43 8.63 -19.16
C MET A 318 -1.41 9.68 -20.27
N ALA A 319 -2.08 10.80 -20.02
CA ALA A 319 -2.14 11.90 -20.98
C ALA A 319 -1.03 12.89 -20.62
N TYR A 320 -0.25 13.30 -21.62
CA TYR A 320 0.86 14.21 -21.37
C TYR A 320 0.65 15.60 -21.97
N ALA A 321 1.21 16.61 -21.30
CA ALA A 321 1.08 18.00 -21.70
C ALA A 321 1.49 18.31 -23.13
N ASP A 322 2.45 17.55 -23.66
CA ASP A 322 2.93 17.80 -25.03
C ASP A 322 3.85 16.71 -25.52
N ARG A 323 4.07 16.70 -26.83
CA ARG A 323 4.93 15.73 -27.48
C ARG A 323 6.26 15.51 -26.74
N THR A 324 7.02 16.57 -26.54
CA THR A 324 8.31 16.47 -25.86
C THR A 324 8.21 15.81 -24.49
N SER A 325 7.10 16.03 -23.78
CA SER A 325 6.92 15.42 -22.46
C SER A 325 6.69 13.92 -22.57
N ARG A 326 5.94 13.52 -23.60
CA ARG A 326 5.63 12.11 -23.81
C ARG A 326 6.90 11.31 -24.09
N VAL A 327 7.70 11.79 -25.05
CA VAL A 327 8.96 11.12 -25.39
C VAL A 327 9.84 10.99 -24.14
N LYS A 328 9.89 12.06 -23.37
CA LYS A 328 10.69 12.09 -22.15
C LYS A 328 10.22 11.02 -21.17
N TRP A 329 8.92 10.89 -21.01
CA TRP A 329 8.37 9.93 -20.09
C TRP A 329 8.68 8.48 -20.46
N TYR A 330 8.58 8.14 -21.75
CA TYR A 330 8.87 6.78 -22.17
C TYR A 330 10.34 6.46 -21.93
N ASP A 331 11.20 7.42 -22.22
CA ASP A 331 12.64 7.27 -22.04
C ASP A 331 12.96 7.11 -20.55
N PHE A 332 12.38 7.97 -19.72
CA PHE A 332 12.59 7.93 -18.28
C PHE A 332 12.10 6.61 -17.66
N ILE A 333 10.81 6.33 -17.84
CA ILE A 333 10.22 5.13 -17.28
C ILE A 333 11.00 3.87 -17.61
N SER A 334 11.35 3.69 -18.88
CA SER A 334 12.07 2.50 -19.29
C SER A 334 13.50 2.45 -18.76
N ASP A 335 14.11 3.61 -18.55
CA ASP A 335 15.47 3.61 -18.00
C ASP A 335 15.43 3.12 -16.56
N ALA A 336 14.53 3.73 -15.79
CA ALA A 336 14.37 3.42 -14.39
C ALA A 336 14.00 1.96 -14.09
N ALA A 337 13.13 1.39 -14.93
CA ALA A 337 12.70 0.01 -14.74
C ALA A 337 13.78 -1.01 -15.07
N LEU A 338 14.38 -0.84 -16.24
CA LEU A 338 15.42 -1.76 -16.69
C LEU A 338 16.63 -1.69 -15.78
N GLU A 339 16.88 -0.53 -15.19
CA GLU A 339 18.01 -0.36 -14.28
C GLU A 339 17.79 -1.18 -12.99
N ARG A 340 16.55 -1.20 -12.50
CA ARG A 340 16.24 -1.95 -11.30
C ARG A 340 15.97 -3.41 -11.61
N GLY A 341 16.17 -3.81 -12.87
CA GLY A 341 15.95 -5.20 -13.26
C GLY A 341 14.51 -5.61 -13.46
N PHE A 342 13.63 -4.62 -13.65
CA PHE A 342 12.23 -4.91 -13.87
C PHE A 342 12.01 -5.21 -15.35
N ALA A 343 11.00 -6.01 -15.63
CA ALA A 343 10.65 -6.31 -17.00
C ALA A 343 9.37 -5.51 -17.22
N CYS A 344 9.15 -5.04 -18.44
CA CYS A 344 7.93 -4.27 -18.71
C CYS A 344 7.47 -4.27 -20.15
N SER A 345 6.19 -3.96 -20.31
CA SER A 345 5.55 -3.89 -21.60
C SER A 345 4.91 -2.53 -21.71
N VAL A 346 5.17 -1.82 -22.80
CA VAL A 346 4.56 -0.51 -22.96
C VAL A 346 3.13 -0.69 -23.45
N TRP A 347 2.25 0.22 -23.03
CA TRP A 347 0.86 0.15 -23.46
C TRP A 347 0.72 0.77 -24.82
N ASP A 348 0.10 0.03 -25.73
CA ASP A 348 -0.11 0.48 -27.11
C ASP A 348 -1.52 0.00 -27.50
N ASN A 349 -2.47 0.91 -27.58
CA ASN A 349 -3.86 0.57 -27.91
C ASN A 349 -4.14 0.61 -29.41
N GLY A 350 -3.09 0.74 -30.22
CA GLY A 350 -3.25 0.76 -31.65
C GLY A 350 -4.18 1.82 -32.22
N VAL A 351 -4.24 2.99 -31.59
CA VAL A 351 -5.11 4.05 -32.06
C VAL A 351 -4.38 5.35 -32.41
N PHE A 352 -4.54 5.79 -33.65
CA PHE A 352 -3.93 7.02 -34.15
C PHE A 352 -4.98 8.04 -34.57
N ASP A 358 -5.73 7.80 -27.56
CA ASP A 358 -4.64 7.74 -28.53
C ASP A 358 -3.26 7.59 -27.86
N MET A 359 -2.97 6.37 -27.42
CA MET A 359 -1.71 6.04 -26.76
C MET A 359 -1.11 4.90 -27.59
N ALA A 360 -0.77 5.21 -28.85
CA ALA A 360 -0.21 4.22 -29.77
C ALA A 360 1.17 4.52 -30.32
N ILE A 361 1.98 3.48 -30.39
CA ILE A 361 3.36 3.57 -30.85
C ILE A 361 3.48 2.87 -32.19
N TYR A 362 2.60 1.90 -32.41
CA TYR A 362 2.65 1.16 -33.65
C TYR A 362 1.37 1.36 -34.45
N ASN A 363 1.56 1.74 -35.71
CA ASN A 363 0.44 1.99 -36.60
C ASN A 363 0.26 0.71 -37.40
N ARG A 364 -0.83 -0.01 -37.13
CA ARG A 364 -1.11 -1.27 -37.80
C ARG A 364 -1.54 -1.17 -39.25
N ASP A 365 -1.89 0.03 -39.72
CA ASP A 365 -2.30 0.19 -41.11
C ASP A 365 -1.13 0.59 -42.01
N THR A 366 -0.18 1.34 -41.45
CA THR A 366 0.98 1.76 -42.20
C THR A 366 2.18 0.88 -41.89
N ARG A 367 2.09 0.10 -40.81
CA ARG A 367 3.18 -0.75 -40.39
C ARG A 367 4.43 0.06 -40.06
N THR A 368 4.22 1.25 -39.50
CA THR A 368 5.33 2.10 -39.14
C THR A 368 5.21 2.43 -37.65
N PHE A 369 6.34 2.70 -37.02
CA PHE A 369 6.36 3.04 -35.60
C PHE A 369 6.65 4.52 -35.39
N ASP A 370 6.37 5.00 -34.18
CA ASP A 370 6.65 6.37 -33.80
C ASP A 370 8.12 6.32 -33.44
N THR A 371 8.99 6.17 -34.43
CA THR A 371 10.43 6.07 -34.24
C THR A 371 11.02 6.77 -33.02
N GLU A 372 10.58 8.00 -32.75
CA GLU A 372 11.11 8.73 -31.61
C GLU A 372 10.90 7.98 -30.29
N ILE A 373 9.69 7.50 -30.07
CA ILE A 373 9.38 6.76 -28.86
C ILE A 373 10.17 5.45 -28.78
N LEU A 374 10.22 4.71 -29.88
CA LEU A 374 10.96 3.46 -29.91
C LEU A 374 12.39 3.66 -29.44
N ASN A 375 12.99 4.75 -29.86
CA ASN A 375 14.36 5.02 -29.47
C ASN A 375 14.44 5.43 -28.00
N ALA A 376 13.34 5.95 -27.47
CA ALA A 376 13.30 6.37 -26.08
C ALA A 376 13.24 5.12 -25.19
N LEU A 377 12.61 4.06 -25.71
CA LEU A 377 12.49 2.82 -24.97
C LEU A 377 13.76 1.99 -24.96
N PHE A 378 14.59 2.13 -25.99
CA PHE A 378 15.81 1.35 -26.08
C PHE A 378 17.14 2.11 -25.96
N LYS B 74 16.50 23.45 21.16
CA LYS B 74 15.20 22.80 20.99
C LYS B 74 15.23 21.79 19.84
N ALA B 75 15.44 22.28 18.63
CA ALA B 75 15.48 21.43 17.43
C ALA B 75 16.29 20.15 17.60
N VAL B 76 15.62 19.00 17.48
CA VAL B 76 16.27 17.69 17.63
C VAL B 76 16.11 16.87 16.35
N ASP B 77 17.11 16.07 16.02
CA ASP B 77 17.03 15.24 14.83
C ASP B 77 16.00 14.14 15.04
N PRO B 78 14.99 14.06 14.16
CA PRO B 78 13.92 13.06 14.22
C PRO B 78 14.40 11.67 14.59
N PHE B 79 15.46 11.21 13.92
CA PHE B 79 16.00 9.89 14.19
C PHE B 79 16.52 9.72 15.60
N GLU B 80 17.14 10.77 16.13
CA GLU B 80 17.66 10.71 17.49
C GLU B 80 16.46 10.64 18.42
N MET B 81 15.42 11.41 18.10
CA MET B 81 14.19 11.43 18.88
C MET B 81 13.58 10.04 18.98
N VAL B 82 13.55 9.34 17.84
CA VAL B 82 13.01 7.99 17.78
C VAL B 82 13.72 7.01 18.71
N ARG B 83 15.01 7.20 18.92
CA ARG B 83 15.75 6.31 19.80
C ARG B 83 15.39 6.60 21.25
N LYS B 84 15.20 7.88 21.55
CA LYS B 84 14.85 8.27 22.90
C LYS B 84 13.47 7.70 23.24
N MET B 85 12.53 7.86 22.30
CA MET B 85 11.16 7.36 22.47
C MET B 85 11.14 5.91 22.88
N GLY B 86 11.98 5.10 22.25
CA GLY B 86 12.04 3.69 22.57
C GLY B 86 10.68 3.00 22.62
N MET B 87 10.44 2.29 23.71
CA MET B 87 9.19 1.57 23.94
C MET B 87 8.42 2.32 25.01
N GLY B 88 7.21 2.77 24.68
CA GLY B 88 6.40 3.51 25.63
C GLY B 88 4.97 3.01 25.69
N THR B 89 4.07 3.84 26.20
CA THR B 89 2.69 3.43 26.33
C THR B 89 1.69 4.51 25.91
N ASN B 90 0.45 4.07 25.73
CA ASN B 90 -0.65 4.96 25.39
C ASN B 90 -1.46 5.15 26.67
N LEU B 91 -2.14 6.28 26.78
CA LEU B 91 -3.03 6.55 27.90
C LEU B 91 -4.39 6.37 27.22
N GLY B 92 -4.69 5.12 26.87
CA GLY B 92 -5.92 4.81 26.16
C GLY B 92 -7.27 5.02 26.80
N ASN B 93 -8.28 5.19 25.94
CA ASN B 93 -9.67 5.39 26.32
C ASN B 93 -9.79 6.35 27.50
N THR B 94 -9.02 7.43 27.43
CA THR B 94 -9.02 8.43 28.48
C THR B 94 -9.52 9.76 27.93
N LEU B 95 -8.62 10.56 27.34
CA LEU B 95 -9.01 11.85 26.80
C LEU B 95 -9.59 11.78 25.39
N GLU B 96 -9.62 10.59 24.80
CA GLU B 96 -10.18 10.46 23.45
C GLU B 96 -11.60 9.91 23.56
N ALA B 97 -12.08 9.75 24.79
CA ALA B 97 -13.43 9.29 25.04
C ALA B 97 -14.28 10.50 24.71
N PRO B 98 -15.61 10.35 24.69
CA PRO B 98 -16.41 11.55 24.39
C PRO B 98 -16.07 12.64 25.42
N TYR B 99 -15.93 12.22 26.67
CA TYR B 99 -15.57 13.11 27.78
C TYR B 99 -14.62 12.31 28.66
N GLU B 100 -13.60 12.96 29.22
CA GLU B 100 -12.67 12.23 30.07
C GLU B 100 -13.47 11.51 31.14
N GLY B 101 -13.24 10.21 31.27
CA GLY B 101 -13.96 9.44 32.27
C GLY B 101 -15.11 8.59 31.73
N SER B 102 -15.64 8.94 30.56
CA SER B 102 -16.75 8.18 30.00
C SER B 102 -16.38 6.73 29.69
N TRP B 103 -15.11 6.51 29.39
CA TRP B 103 -14.61 5.19 29.07
C TRP B 103 -13.79 4.65 30.24
N SER B 104 -12.46 4.75 30.15
CA SER B 104 -11.64 4.26 31.25
C SER B 104 -11.47 5.34 32.31
N LYS B 105 -10.92 4.97 33.45
CA LYS B 105 -10.75 5.93 34.53
C LYS B 105 -9.85 7.11 34.15
N SER B 106 -10.30 8.30 34.52
CA SER B 106 -9.60 9.55 34.23
C SER B 106 -8.11 9.49 34.53
N ALA B 107 -7.38 10.44 33.96
CA ALA B 107 -5.95 10.53 34.16
C ALA B 107 -5.64 10.83 35.62
N MET B 108 -4.62 10.16 36.13
CA MET B 108 -4.16 10.35 37.50
C MET B 108 -2.66 10.49 37.37
N GLU B 109 -2.09 11.46 38.07
CA GLU B 109 -0.66 11.67 38.00
C GLU B 109 0.15 10.42 38.37
N TYR B 110 -0.35 9.62 39.31
CA TYR B 110 0.39 8.43 39.70
C TYR B 110 0.53 7.40 38.56
N TYR B 111 -0.31 7.50 37.55
CA TYR B 111 -0.19 6.58 36.42
C TYR B 111 1.22 6.80 35.89
N PHE B 112 1.56 8.08 35.73
CA PHE B 112 2.87 8.47 35.22
C PHE B 112 4.02 8.11 36.14
N ASP B 113 3.76 8.08 37.45
CA ASP B 113 4.81 7.69 38.37
C ASP B 113 5.09 6.20 38.10
N ASP B 114 4.02 5.45 37.88
CA ASP B 114 4.16 4.02 37.61
C ASP B 114 4.75 3.75 36.22
N PHE B 115 4.34 4.54 35.24
CA PHE B 115 4.86 4.35 33.89
C PHE B 115 6.37 4.46 33.90
N LYS B 116 6.89 5.37 34.72
CA LYS B 116 8.32 5.57 34.80
C LYS B 116 8.98 4.38 35.49
N ALA B 117 8.38 3.90 36.58
CA ALA B 117 8.91 2.77 37.30
C ALA B 117 8.92 1.53 36.42
N ALA B 118 7.99 1.45 35.49
CA ALA B 118 7.89 0.32 34.58
C ALA B 118 8.97 0.33 33.49
N GLY B 119 9.49 1.51 33.17
CA GLY B 119 10.53 1.59 32.17
C GLY B 119 10.15 2.20 30.83
N TYR B 120 8.88 2.56 30.68
CA TYR B 120 8.43 3.16 29.44
C TYR B 120 9.21 4.45 29.21
N LYS B 121 9.56 4.73 27.96
CA LYS B 121 10.31 5.95 27.67
C LYS B 121 9.44 6.99 26.99
N ASN B 122 8.19 6.64 26.67
CA ASN B 122 7.27 7.59 26.04
C ASN B 122 5.82 7.30 26.41
N VAL B 123 4.98 8.31 26.28
CA VAL B 123 3.56 8.15 26.56
C VAL B 123 2.77 8.88 25.49
N ARG B 124 1.89 8.15 24.81
CA ARG B 124 1.04 8.71 23.77
C ARG B 124 -0.29 9.06 24.42
N ILE B 125 -0.67 10.33 24.34
CA ILE B 125 -1.92 10.80 24.93
C ILE B 125 -3.01 11.13 23.92
N PRO B 126 -3.81 10.12 23.52
CA PRO B 126 -4.88 10.38 22.55
C PRO B 126 -5.83 11.45 23.13
N VAL B 127 -6.36 12.32 22.28
CA VAL B 127 -7.27 13.38 22.73
C VAL B 127 -8.36 13.62 21.69
N ARG B 128 -9.61 13.74 22.14
CA ARG B 128 -10.73 14.01 21.24
C ARG B 128 -11.21 15.42 21.55
N TRP B 129 -10.90 16.36 20.66
CA TRP B 129 -11.26 17.75 20.85
C TRP B 129 -12.72 18.10 20.56
N ASP B 130 -13.39 17.21 19.86
CA ASP B 130 -14.77 17.42 19.47
C ASP B 130 -15.71 18.10 20.48
N ASN B 131 -16.05 17.43 21.57
CA ASN B 131 -16.98 18.02 22.54
C ASN B 131 -16.39 19.07 23.48
N HIS B 132 -15.23 19.61 23.14
CA HIS B 132 -14.60 20.63 23.99
C HIS B 132 -14.36 21.84 23.12
N THR B 133 -14.90 21.81 21.92
CA THR B 133 -14.71 22.89 20.95
C THR B 133 -16.03 23.38 20.35
N MET B 134 -16.16 24.70 20.22
CA MET B 134 -17.36 25.29 19.64
C MET B 134 -17.66 24.62 18.30
N ARG B 135 -18.93 24.36 18.04
CA ARG B 135 -19.31 23.71 16.80
C ARG B 135 -19.43 24.71 15.64
N THR B 136 -19.25 26.00 15.96
CA THR B 136 -19.29 27.06 14.95
C THR B 136 -18.13 28.03 15.16
N TYR B 137 -17.82 28.81 14.13
CA TYR B 137 -16.74 29.79 14.19
C TYR B 137 -16.82 30.58 15.49
N PRO B 138 -15.67 31.01 16.06
CA PRO B 138 -14.29 30.80 15.58
C PRO B 138 -13.68 29.48 16.02
N TYR B 139 -14.53 28.52 16.40
CA TYR B 139 -14.08 27.20 16.83
C TYR B 139 -13.11 27.19 18.03
N THR B 140 -13.49 27.90 19.10
CA THR B 140 -12.67 27.99 20.31
C THR B 140 -12.71 26.71 21.14
N ILE B 141 -11.57 26.35 21.72
CA ILE B 141 -11.50 25.18 22.58
C ILE B 141 -11.65 25.69 24.02
N ASP B 142 -12.51 25.04 24.82
CA ASP B 142 -12.71 25.46 26.19
C ASP B 142 -11.37 25.58 26.91
N LYS B 143 -11.18 26.70 27.61
CA LYS B 143 -9.98 26.93 28.38
C LYS B 143 -9.82 25.79 29.37
N ALA B 144 -10.93 25.43 30.02
CA ALA B 144 -10.90 24.35 30.99
C ALA B 144 -10.28 23.08 30.42
N PHE B 145 -10.59 22.77 29.16
CA PHE B 145 -10.03 21.55 28.55
C PHE B 145 -8.54 21.70 28.19
N LEU B 146 -8.19 22.76 27.47
CA LEU B 146 -6.78 22.99 27.14
C LEU B 146 -5.92 22.92 28.41
N ASP B 147 -6.44 23.46 29.50
CA ASP B 147 -5.74 23.45 30.78
C ASP B 147 -5.55 22.01 31.26
N ARG B 148 -6.61 21.20 31.18
CA ARG B 148 -6.57 19.81 31.61
C ARG B 148 -5.51 19.02 30.85
N VAL B 149 -5.53 19.15 29.52
CA VAL B 149 -4.55 18.48 28.66
C VAL B 149 -3.14 18.91 29.03
N GLU B 150 -2.94 20.22 29.12
CA GLU B 150 -1.62 20.77 29.46
C GLU B 150 -1.17 20.19 30.79
N GLN B 151 -2.12 20.11 31.72
CA GLN B 151 -1.83 19.56 33.01
C GLN B 151 -1.32 18.13 32.86
N VAL B 152 -1.97 17.34 32.01
CA VAL B 152 -1.55 15.96 31.81
C VAL B 152 -0.22 15.91 31.06
N VAL B 153 -0.11 16.71 30.01
CA VAL B 153 1.13 16.76 29.24
C VAL B 153 2.31 17.10 30.15
N ASP B 154 2.08 18.01 31.09
CA ASP B 154 3.14 18.42 32.02
C ASP B 154 3.59 17.29 32.95
N TRP B 155 2.66 16.45 33.40
CA TRP B 155 3.03 15.33 34.26
C TRP B 155 3.97 14.41 33.47
N SER B 156 3.67 14.25 32.20
CA SER B 156 4.44 13.42 31.31
C SER B 156 5.83 14.02 31.04
N LEU B 157 5.87 15.27 30.62
CA LEU B 157 7.16 15.93 30.33
C LEU B 157 8.07 15.99 31.55
N SER B 158 7.50 16.39 32.68
CA SER B 158 8.27 16.50 33.92
C SER B 158 9.03 15.22 34.23
N ARG B 159 8.49 14.07 33.83
CA ARG B 159 9.13 12.80 34.12
C ARG B 159 10.05 12.22 33.04
N GLY B 160 10.52 13.09 32.14
CA GLY B 160 11.42 12.65 31.08
C GLY B 160 10.82 11.83 29.97
N PHE B 161 9.49 11.77 29.89
CA PHE B 161 8.84 11.00 28.84
C PHE B 161 8.78 11.78 27.52
N VAL B 162 9.05 11.11 26.40
CA VAL B 162 8.88 11.80 25.12
C VAL B 162 7.36 11.71 25.09
N THR B 163 6.71 12.86 25.06
CA THR B 163 5.25 12.91 25.11
C THR B 163 4.61 13.22 23.78
N ILE B 164 3.52 12.50 23.49
CA ILE B 164 2.78 12.69 22.24
C ILE B 164 1.28 12.97 22.49
N ILE B 165 0.77 14.00 21.84
CA ILE B 165 -0.65 14.35 21.93
C ILE B 165 -1.14 14.42 20.51
N ASN B 166 -2.43 14.19 20.30
CA ASN B 166 -2.97 14.20 18.95
C ASN B 166 -4.44 14.59 18.89
N SER B 167 -5.06 14.21 17.78
CA SER B 167 -6.48 14.35 17.57
C SER B 167 -6.82 12.89 17.39
N HIS B 168 -7.63 12.34 18.29
CA HIS B 168 -7.99 10.94 18.24
C HIS B 168 -9.51 10.83 18.28
N HIS B 169 -10.06 9.98 17.43
CA HIS B 169 -11.51 9.78 17.33
C HIS B 169 -12.31 11.00 16.90
N ASP B 170 -11.66 12.04 16.39
CA ASP B 170 -12.41 13.21 15.92
C ASP B 170 -12.92 12.88 14.51
N ASP B 171 -13.72 11.83 14.42
CA ASP B 171 -14.25 11.34 13.15
C ASP B 171 -15.12 12.30 12.37
N TRP B 172 -15.65 13.31 13.03
CA TRP B 172 -16.52 14.28 12.36
C TRP B 172 -15.84 14.90 11.13
N ILE B 173 -14.52 14.97 11.13
CA ILE B 173 -13.84 15.56 9.99
C ILE B 173 -13.78 14.63 8.78
N LYS B 174 -13.96 13.34 9.02
CA LYS B 174 -13.92 12.37 7.93
C LYS B 174 -15.31 12.25 7.31
N GLU B 175 -16.31 12.67 8.07
CA GLU B 175 -17.70 12.62 7.64
C GLU B 175 -18.00 13.71 6.62
N ASP B 176 -17.19 14.76 6.64
CA ASP B 176 -17.35 15.89 5.72
C ASP B 176 -16.11 16.76 5.77
N TYR B 177 -15.06 16.34 5.06
CA TYR B 177 -13.80 17.04 5.05
C TYR B 177 -13.93 18.52 4.70
N ASN B 178 -14.55 18.79 3.57
CA ASN B 178 -14.74 20.14 3.07
C ASN B 178 -15.36 21.09 4.08
N GLY B 179 -16.44 20.65 4.71
CA GLY B 179 -17.11 21.50 5.67
C GLY B 179 -16.49 21.63 7.04
N ASN B 180 -15.59 20.74 7.40
CA ASN B 180 -15.00 20.78 8.74
C ASN B 180 -13.50 20.99 8.84
N ILE B 181 -12.80 20.97 7.72
CA ILE B 181 -11.35 21.16 7.76
C ILE B 181 -10.99 22.51 8.38
N GLU B 182 -11.95 23.43 8.35
CA GLU B 182 -11.79 24.77 8.92
C GLU B 182 -11.75 24.65 10.45
N ARG B 183 -12.68 23.88 10.99
CA ARG B 183 -12.76 23.66 12.43
C ARG B 183 -11.55 22.89 12.92
N PHE B 184 -11.08 21.95 12.10
CA PHE B 184 -9.93 21.14 12.44
C PHE B 184 -8.65 21.99 12.39
N GLU B 185 -8.69 23.08 11.64
CA GLU B 185 -7.53 23.98 11.52
C GLU B 185 -7.39 24.84 12.78
N LYS B 186 -8.52 25.39 13.22
CA LYS B 186 -8.52 26.24 14.40
C LYS B 186 -8.08 25.47 15.64
N ILE B 187 -8.58 24.25 15.76
CA ILE B 187 -8.22 23.41 16.90
C ILE B 187 -6.70 23.27 16.95
N TRP B 188 -6.10 22.87 15.84
CA TRP B 188 -4.65 22.71 15.80
C TRP B 188 -3.92 24.03 16.00
N GLU B 189 -4.48 25.10 15.43
CA GLU B 189 -3.88 26.41 15.56
C GLU B 189 -3.80 26.76 17.04
N GLN B 190 -4.91 26.51 17.74
CA GLN B 190 -5.00 26.79 19.17
C GLN B 190 -4.04 25.88 19.94
N ILE B 191 -3.99 24.61 19.55
CA ILE B 191 -3.11 23.65 20.19
C ILE B 191 -1.67 24.10 20.02
N ALA B 192 -1.31 24.44 18.79
CA ALA B 192 0.03 24.88 18.47
C ALA B 192 0.42 26.11 19.30
N GLU B 193 -0.46 27.10 19.32
CA GLU B 193 -0.21 28.32 20.06
C GLU B 193 -0.09 28.05 21.56
N ARG B 194 -0.82 27.08 22.05
CA ARG B 194 -0.81 26.76 23.48
C ARG B 194 0.46 26.05 23.98
N PHE B 195 0.95 25.07 23.23
CA PHE B 195 2.14 24.32 23.65
C PHE B 195 3.41 24.73 22.92
N LYS B 196 3.35 25.85 22.21
CA LYS B 196 4.49 26.36 21.45
C LYS B 196 5.81 26.41 22.23
N ASN B 197 5.70 26.62 23.53
CA ASN B 197 6.89 26.73 24.38
C ASN B 197 7.31 25.46 25.12
N LYS B 198 6.53 24.39 24.97
CA LYS B 198 6.88 23.14 25.61
C LYS B 198 8.19 22.60 25.05
N SER B 199 8.80 21.67 25.78
CA SER B 199 10.06 21.05 25.39
C SER B 199 9.98 20.23 24.10
N GLU B 200 11.13 19.97 23.50
CA GLU B 200 11.21 19.19 22.27
C GLU B 200 10.73 17.77 22.49
N ASN B 201 10.51 17.38 23.75
CA ASN B 201 10.04 16.03 24.02
C ASN B 201 8.54 15.88 23.83
N LEU B 202 7.87 16.99 23.54
CA LEU B 202 6.44 16.98 23.28
C LEU B 202 6.24 16.98 21.75
N LEU B 203 5.65 15.91 21.24
CA LEU B 203 5.42 15.74 19.80
C LEU B 203 3.97 15.89 19.37
N PHE B 204 3.74 16.45 18.18
CA PHE B 204 2.38 16.60 17.68
C PHE B 204 2.08 15.56 16.60
N GLU B 205 1.00 14.82 16.78
CA GLU B 205 0.56 13.82 15.80
C GLU B 205 -0.73 14.41 15.24
N ILE B 206 -0.68 14.87 13.99
CA ILE B 206 -1.83 15.49 13.35
C ILE B 206 -3.16 14.73 13.53
N MET B 207 -3.19 13.46 13.18
CA MET B 207 -4.42 12.68 13.31
C MET B 207 -4.21 11.19 13.50
N ASN B 208 -4.76 10.65 14.59
CA ASN B 208 -4.64 9.25 14.95
C ASN B 208 -4.53 8.26 13.79
N GLU B 209 -5.62 8.01 13.08
CA GLU B 209 -5.56 7.06 11.97
C GLU B 209 -6.18 7.67 10.73
N PRO B 210 -5.40 8.48 10.01
CA PRO B 210 -5.86 9.16 8.79
C PRO B 210 -6.54 8.26 7.76
N PHE B 211 -5.89 7.16 7.41
CA PHE B 211 -6.45 6.25 6.44
C PHE B 211 -7.80 5.71 6.89
N GLY B 212 -8.84 6.08 6.15
CA GLY B 212 -10.18 5.65 6.48
C GLY B 212 -11.20 6.07 5.44
N ASN B 213 -12.22 6.82 5.85
CA ASN B 213 -13.27 7.29 4.94
C ASN B 213 -12.95 8.68 4.41
N ILE B 214 -11.70 8.84 3.99
CA ILE B 214 -11.21 10.10 3.47
C ILE B 214 -10.22 9.78 2.33
N THR B 215 -10.33 10.52 1.23
CA THR B 215 -9.47 10.30 0.07
C THR B 215 -8.01 10.57 0.37
N ASP B 216 -7.12 10.03 -0.45
CA ASP B 216 -5.68 10.22 -0.28
C ASP B 216 -5.34 11.67 -0.56
N GLU B 217 -6.17 12.31 -1.37
CA GLU B 217 -5.99 13.72 -1.73
C GLU B 217 -6.30 14.60 -0.51
N GLN B 218 -7.37 14.29 0.21
CA GLN B 218 -7.77 15.05 1.40
C GLN B 218 -6.76 14.85 2.53
N ILE B 219 -6.20 13.64 2.62
CA ILE B 219 -5.23 13.33 3.65
C ILE B 219 -3.97 14.18 3.44
N ASP B 220 -3.48 14.20 2.21
CA ASP B 220 -2.29 14.97 1.86
C ASP B 220 -2.54 16.44 2.12
N ASP B 221 -3.74 16.88 1.76
CA ASP B 221 -4.17 18.25 1.94
C ASP B 221 -4.13 18.61 3.43
N MET B 222 -4.73 17.74 4.24
CA MET B 222 -4.78 17.95 5.68
C MET B 222 -3.38 18.05 6.30
N ASN B 223 -2.50 17.11 5.96
CA ASN B 223 -1.16 17.15 6.53
C ASN B 223 -0.47 18.46 6.19
N SER B 224 -0.54 18.86 4.94
CA SER B 224 0.12 20.09 4.52
C SER B 224 -0.35 21.34 5.27
N ARG B 225 -1.67 21.56 5.28
CA ARG B 225 -2.20 22.74 5.95
C ARG B 225 -2.03 22.74 7.46
N ILE B 226 -2.29 21.62 8.11
CA ILE B 226 -2.12 21.57 9.56
C ILE B 226 -0.65 21.80 9.91
N LEU B 227 0.24 21.30 9.07
CA LEU B 227 1.68 21.46 9.30
C LEU B 227 2.08 22.92 9.15
N LYS B 228 1.44 23.62 8.20
CA LYS B 228 1.71 25.03 7.97
C LYS B 228 1.33 25.83 9.21
N ILE B 229 0.18 25.49 9.78
CA ILE B 229 -0.32 26.15 10.97
C ILE B 229 0.61 25.87 12.16
N ILE B 230 0.97 24.60 12.35
CA ILE B 230 1.87 24.21 13.45
C ILE B 230 3.19 24.95 13.39
N ARG B 231 3.74 25.06 12.18
CA ARG B 231 5.02 25.71 11.96
C ARG B 231 5.00 27.23 12.16
N LYS B 232 3.83 27.85 12.03
CA LYS B 232 3.73 29.29 12.24
C LYS B 232 4.31 29.59 13.62
N THR B 233 3.80 28.89 14.63
CA THR B 233 4.22 29.06 16.01
C THR B 233 5.21 28.02 16.52
N ASN B 234 5.28 26.86 15.87
CA ASN B 234 6.19 25.78 16.26
C ASN B 234 7.06 25.39 15.08
N PRO B 235 8.16 26.12 14.85
CA PRO B 235 9.07 25.86 13.74
C PRO B 235 9.89 24.57 13.74
N THR B 236 10.42 24.15 14.88
CA THR B 236 11.22 22.92 14.90
C THR B 236 10.57 21.74 15.59
N ARG B 237 9.35 21.93 16.07
CA ARG B 237 8.64 20.87 16.75
C ARG B 237 8.36 19.72 15.80
N ILE B 238 8.89 18.56 16.14
CA ILE B 238 8.71 17.36 15.36
C ILE B 238 7.23 17.00 15.26
N VAL B 239 6.73 16.85 14.03
CA VAL B 239 5.33 16.50 13.80
C VAL B 239 5.20 15.05 13.30
N ILE B 240 4.21 14.34 13.82
CA ILE B 240 3.98 12.96 13.42
C ILE B 240 2.87 12.85 12.36
N ILE B 241 3.13 12.12 11.29
CA ILE B 241 2.13 11.92 10.24
C ILE B 241 2.08 10.46 9.84
N GLY B 242 0.91 10.01 9.39
CA GLY B 242 0.75 8.62 8.98
C GLY B 242 1.71 8.26 7.85
N GLY B 243 2.48 7.19 8.04
CA GLY B 243 3.42 6.76 7.03
C GLY B 243 2.79 5.67 6.19
N GLY B 244 1.77 5.04 6.75
CA GLY B 244 1.08 3.97 6.06
C GLY B 244 0.47 2.98 7.04
N TYR B 245 0.03 1.85 6.53
CA TYR B 245 -0.57 0.82 7.35
C TYR B 245 -0.26 -0.57 6.82
N TRP B 246 -0.64 -1.59 7.58
CA TRP B 246 -0.41 -2.97 7.19
C TRP B 246 -1.51 -3.89 7.71
N ASN B 247 -1.56 -5.09 7.14
CA ASN B 247 -2.52 -6.11 7.51
C ASN B 247 -2.02 -7.45 6.99
N SER B 248 -2.79 -8.52 7.20
CA SER B 248 -2.38 -9.85 6.75
C SER B 248 -2.17 -9.98 5.24
N TYR B 249 -2.77 -9.07 4.48
CA TYR B 249 -2.70 -9.11 3.03
C TYR B 249 -1.76 -8.16 2.30
N ASN B 250 -1.52 -6.99 2.86
CA ASN B 250 -0.66 -6.04 2.21
C ASN B 250 -0.21 -4.87 3.09
N THR B 251 0.70 -4.07 2.56
CA THR B 251 1.21 -2.91 3.26
C THR B 251 1.08 -1.73 2.33
N LEU B 252 0.74 -0.57 2.88
CA LEU B 252 0.62 0.64 2.08
C LEU B 252 1.52 1.69 2.70
N VAL B 253 2.33 2.35 1.89
CA VAL B 253 3.22 3.39 2.40
C VAL B 253 2.97 4.69 1.65
N ASN B 254 3.15 5.82 2.33
CA ASN B 254 2.94 7.10 1.68
C ASN B 254 4.11 7.44 0.79
N ILE B 255 3.80 7.97 -0.38
CA ILE B 255 4.80 8.33 -1.37
C ILE B 255 5.01 9.83 -1.34
N LYS B 256 3.93 10.56 -1.10
CA LYS B 256 3.98 12.02 -1.05
C LYS B 256 4.21 12.49 0.38
N ILE B 257 5.47 12.53 0.79
CA ILE B 257 5.84 12.96 2.14
C ILE B 257 6.09 14.47 2.13
N PRO B 258 5.45 15.20 3.06
CA PRO B 258 5.62 16.66 3.13
C PRO B 258 7.09 17.07 3.16
N ASP B 259 7.39 18.21 2.58
CA ASP B 259 8.77 18.66 2.55
C ASP B 259 9.06 19.40 3.86
N ASP B 260 9.50 18.66 4.86
CA ASP B 260 9.79 19.22 6.18
C ASP B 260 10.86 18.39 6.88
N PRO B 261 11.77 19.04 7.60
CA PRO B 261 12.81 18.26 8.28
C PRO B 261 12.46 17.61 9.61
N TYR B 262 11.36 18.02 10.22
CA TYR B 262 11.02 17.45 11.52
C TYR B 262 9.77 16.58 11.51
N LEU B 263 9.85 15.48 10.78
CA LEU B 263 8.72 14.57 10.67
C LEU B 263 9.05 13.17 11.14
N ILE B 264 8.01 12.47 11.54
CA ILE B 264 8.11 11.10 11.97
C ILE B 264 6.90 10.43 11.35
N GLY B 265 7.12 9.27 10.74
CA GLY B 265 6.02 8.55 10.12
C GLY B 265 5.46 7.51 11.07
N THR B 266 4.15 7.41 11.12
CA THR B 266 3.53 6.44 12.00
C THR B 266 2.77 5.38 11.22
N PHE B 267 2.79 4.15 11.73
CA PHE B 267 2.13 3.02 11.10
C PHE B 267 1.26 2.25 12.09
N HIS B 268 0.08 1.86 11.63
CA HIS B 268 -0.87 1.11 12.44
C HIS B 268 -1.43 -0.04 11.62
N TYR B 269 -1.92 -1.07 12.30
CA TYR B 269 -2.53 -2.21 11.62
C TYR B 269 -3.88 -1.72 11.08
N TYR B 270 -4.16 -1.95 9.81
CA TYR B 270 -5.42 -1.49 9.26
C TYR B 270 -5.84 -2.19 7.97
N ASP B 271 -7.08 -2.66 7.95
CA ASP B 271 -7.62 -3.32 6.78
C ASP B 271 -9.01 -2.72 6.53
N PRO B 272 -9.23 -2.18 5.32
CA PRO B 272 -10.53 -1.58 4.98
C PRO B 272 -11.62 -2.59 4.64
N TYR B 273 -11.36 -3.86 4.94
CA TYR B 273 -12.33 -4.93 4.68
C TYR B 273 -12.44 -5.83 5.90
N GLU B 274 -11.75 -5.44 6.97
CA GLU B 274 -11.75 -6.20 8.20
C GLU B 274 -13.16 -6.67 8.52
N PHE B 275 -14.04 -5.70 8.73
CA PHE B 275 -15.44 -5.97 9.05
C PHE B 275 -15.60 -6.74 10.36
N THR B 276 -15.30 -6.03 11.43
CA THR B 276 -15.37 -6.46 12.84
C THR B 276 -15.21 -7.92 13.25
N HIS B 277 -15.37 -8.12 14.55
CA HIS B 277 -15.28 -9.40 15.23
C HIS B 277 -16.02 -9.22 16.55
N THR B 282 -7.55 -15.31 15.46
CA THR B 282 -6.58 -14.92 16.47
C THR B 282 -5.19 -14.70 15.86
N TRP B 283 -4.23 -14.31 16.69
CA TRP B 283 -2.87 -14.07 16.25
C TRP B 283 -1.86 -14.86 17.04
N GLY B 284 -0.63 -14.92 16.54
CA GLY B 284 0.42 -15.65 17.23
C GLY B 284 0.98 -16.81 16.41
N THR B 285 0.38 -17.06 15.24
CA THR B 285 0.82 -18.15 14.38
C THR B 285 2.10 -17.77 13.65
N GLN B 286 3.00 -18.74 13.49
CA GLN B 286 4.25 -18.54 12.80
C GLN B 286 3.98 -17.77 11.50
N GLU B 287 2.86 -18.09 10.87
CA GLU B 287 2.46 -17.45 9.63
C GLU B 287 2.26 -15.95 9.82
N ASP B 288 1.68 -15.54 10.94
CA ASP B 288 1.47 -14.13 11.23
C ASP B 288 2.81 -13.50 11.62
N MET B 289 3.68 -14.32 12.21
CA MET B 289 5.00 -13.90 12.64
C MET B 289 5.85 -13.52 11.43
N ASP B 290 5.72 -14.30 10.36
CA ASP B 290 6.45 -14.05 9.12
C ASP B 290 5.95 -12.76 8.50
N THR B 291 4.63 -12.60 8.52
CA THR B 291 3.99 -11.43 7.96
C THR B 291 4.63 -10.18 8.56
N VAL B 292 4.65 -10.13 9.89
CA VAL B 292 5.21 -8.99 10.62
C VAL B 292 6.66 -8.64 10.25
N VAL B 293 7.52 -9.64 10.20
CA VAL B 293 8.92 -9.38 9.90
C VAL B 293 9.11 -8.85 8.48
N ARG B 294 8.29 -9.33 7.56
CA ARG B 294 8.37 -8.88 6.16
C ARG B 294 7.80 -7.47 6.09
N VAL B 295 6.72 -7.22 6.83
CA VAL B 295 6.10 -5.91 6.86
C VAL B 295 7.12 -4.91 7.41
N PHE B 296 7.73 -5.25 8.54
CA PHE B 296 8.72 -4.40 9.19
C PHE B 296 9.89 -4.11 8.29
N ASP B 297 10.23 -5.07 7.42
CA ASP B 297 11.33 -4.85 6.50
C ASP B 297 10.95 -3.86 5.40
N PHE B 298 9.72 -3.92 4.91
CA PHE B 298 9.30 -2.97 3.88
C PHE B 298 9.23 -1.58 4.49
N VAL B 299 8.72 -1.50 5.72
CA VAL B 299 8.62 -0.23 6.42
C VAL B 299 10.00 0.36 6.62
N LYS B 300 10.95 -0.48 7.02
CA LYS B 300 12.32 -0.05 7.23
C LYS B 300 12.90 0.53 5.93
N SER B 301 12.74 -0.19 4.83
CA SER B 301 13.23 0.28 3.54
C SER B 301 12.57 1.64 3.23
N TRP B 302 11.29 1.76 3.54
CA TRP B 302 10.54 2.99 3.33
C TRP B 302 11.19 4.09 4.18
N SER B 303 11.53 3.70 5.41
CA SER B 303 12.16 4.61 6.35
C SER B 303 13.50 5.09 5.78
N ASP B 304 14.34 4.14 5.39
CA ASP B 304 15.67 4.45 4.87
C ASP B 304 15.66 5.21 3.54
N ARG B 305 14.74 4.87 2.65
CA ARG B 305 14.67 5.53 1.35
C ARG B 305 14.18 6.98 1.48
N ASN B 306 13.25 7.24 2.39
CA ASN B 306 12.72 8.58 2.57
C ASN B 306 13.38 9.33 3.71
N ASN B 307 14.30 8.64 4.40
CA ASN B 307 15.01 9.25 5.51
C ASN B 307 14.05 9.84 6.55
N ILE B 308 13.07 9.02 6.95
CA ILE B 308 12.08 9.42 7.95
C ILE B 308 11.98 8.24 8.92
N PRO B 309 12.04 8.52 10.22
CA PRO B 309 11.95 7.47 11.23
C PRO B 309 10.54 6.90 11.37
N VAL B 310 10.47 5.65 11.83
CA VAL B 310 9.20 4.94 11.98
C VAL B 310 8.73 4.84 13.43
N TYR B 311 7.41 4.95 13.61
CA TYR B 311 6.81 4.90 14.94
C TYR B 311 5.51 4.13 14.96
N PHE B 312 5.43 3.10 15.80
CA PHE B 312 4.21 2.34 15.94
C PHE B 312 3.50 2.86 17.18
N GLY B 313 2.68 3.89 16.98
CA GLY B 313 1.97 4.54 18.05
C GLY B 313 0.91 3.72 18.78
N ALA B 314 0.58 2.56 18.27
CA ALA B 314 -0.42 1.71 18.92
C ALA B 314 -0.34 0.28 18.42
N PHE B 315 0.71 -0.44 18.78
CA PHE B 315 0.82 -1.82 18.33
C PHE B 315 0.39 -2.82 19.39
N ALA B 316 0.39 -4.10 19.04
CA ALA B 316 -0.03 -5.15 19.96
C ALA B 316 -1.49 -4.86 20.26
N VAL B 317 -2.18 -4.38 19.23
CA VAL B 317 -3.58 -4.00 19.32
C VAL B 317 -4.57 -5.07 18.88
N MET B 318 -4.06 -6.25 18.48
CA MET B 318 -4.95 -7.32 18.05
C MET B 318 -5.23 -8.31 19.18
N ALA B 319 -6.33 -9.06 19.04
CA ALA B 319 -6.76 -10.05 20.03
C ALA B 319 -5.98 -11.36 19.87
N TYR B 320 -5.39 -11.82 20.97
CA TYR B 320 -4.60 -13.04 20.96
C TYR B 320 -5.31 -14.21 21.63
N ALA B 321 -5.34 -15.34 20.93
CA ALA B 321 -5.99 -16.56 21.39
C ALA B 321 -5.88 -16.83 22.89
N ASP B 322 -4.69 -17.18 23.36
CA ASP B 322 -4.47 -17.50 24.77
C ASP B 322 -3.25 -16.79 25.36
N ARG B 323 -3.18 -16.83 26.68
CA ARG B 323 -2.09 -16.22 27.43
C ARG B 323 -0.71 -16.32 26.78
N THR B 324 -0.27 -17.54 26.49
CA THR B 324 1.04 -17.77 25.89
C THR B 324 1.30 -17.08 24.55
N SER B 325 0.38 -17.22 23.61
CA SER B 325 0.56 -16.57 22.31
C SER B 325 0.81 -15.08 22.53
N ARG B 326 -0.07 -14.47 23.30
CA ARG B 326 -0.01 -13.04 23.61
C ARG B 326 1.38 -12.62 24.09
N VAL B 327 1.84 -13.25 25.17
CA VAL B 327 3.15 -12.95 25.74
C VAL B 327 4.26 -13.18 24.72
N LYS B 328 4.17 -14.29 23.99
CA LYS B 328 5.18 -14.63 23.00
C LYS B 328 5.15 -13.60 21.86
N TRP B 329 3.96 -13.12 21.53
CA TRP B 329 3.81 -12.15 20.47
C TRP B 329 4.44 -10.82 20.88
N TYR B 330 4.01 -10.29 22.02
CA TYR B 330 4.56 -9.04 22.51
C TYR B 330 6.08 -9.11 22.56
N ASP B 331 6.61 -10.28 22.91
CA ASP B 331 8.05 -10.43 22.99
C ASP B 331 8.61 -10.36 21.57
N PHE B 332 7.96 -11.04 20.64
CA PHE B 332 8.41 -11.06 19.26
C PHE B 332 8.30 -9.71 18.54
N ILE B 333 7.19 -9.01 18.73
CA ILE B 333 7.00 -7.73 18.06
C ILE B 333 7.99 -6.67 18.55
N SER B 334 8.15 -6.57 19.86
CA SER B 334 9.08 -5.59 20.42
C SER B 334 10.49 -5.86 19.92
N ASP B 335 10.85 -7.14 19.83
CA ASP B 335 12.17 -7.53 19.35
C ASP B 335 12.34 -7.07 17.90
N ALA B 336 11.35 -7.39 17.07
CA ALA B 336 11.39 -7.02 15.66
C ALA B 336 11.47 -5.53 15.40
N ALA B 337 10.73 -4.75 16.19
CA ALA B 337 10.69 -3.30 16.04
C ALA B 337 11.92 -2.54 16.53
N LEU B 338 12.37 -2.88 17.74
CA LEU B 338 13.52 -2.23 18.32
C LEU B 338 14.78 -2.50 17.50
N GLU B 339 14.89 -3.72 16.97
CA GLU B 339 16.03 -4.10 16.15
C GLU B 339 16.20 -3.20 14.92
N ARG B 340 15.09 -2.77 14.33
CA ARG B 340 15.13 -1.91 13.14
C ARG B 340 15.09 -0.43 13.45
N GLY B 341 15.25 -0.09 14.73
CA GLY B 341 15.25 1.29 15.15
C GLY B 341 13.90 1.99 15.24
N PHE B 342 12.81 1.23 15.28
CA PHE B 342 11.49 1.83 15.36
C PHE B 342 11.11 2.22 16.79
N ALA B 343 10.27 3.24 16.92
CA ALA B 343 9.79 3.68 18.23
C ALA B 343 8.43 3.02 18.44
N CYS B 344 8.03 2.80 19.68
CA CYS B 344 6.76 2.15 19.96
C CYS B 344 6.01 2.62 21.19
N SER B 345 4.69 2.54 21.08
CA SER B 345 3.79 2.88 22.16
C SER B 345 2.83 1.71 22.14
N VAL B 346 2.87 0.90 23.19
CA VAL B 346 1.99 -0.24 23.27
C VAL B 346 0.59 0.31 23.54
N TRP B 347 -0.41 -0.37 23.00
CA TRP B 347 -1.77 0.08 23.21
C TRP B 347 -2.33 -0.47 24.51
N ASP B 348 -2.69 0.43 25.42
CA ASP B 348 -3.24 0.07 26.71
C ASP B 348 -4.51 0.89 26.89
N ASN B 349 -5.67 0.23 26.77
CA ASN B 349 -6.94 0.93 26.89
C ASN B 349 -7.45 1.12 28.30
N GLY B 350 -6.62 0.82 29.30
CA GLY B 350 -7.01 1.00 30.69
C GLY B 350 -7.98 -0.01 31.26
N VAL B 351 -8.39 -0.97 30.45
CA VAL B 351 -9.31 -2.01 30.90
C VAL B 351 -8.49 -3.28 31.17
N PHE B 352 -8.21 -3.53 32.44
CA PHE B 352 -7.42 -4.68 32.83
C PHE B 352 -8.20 -5.99 32.72
N ASP B 358 -10.02 -6.04 27.44
CA ASP B 358 -9.21 -7.04 28.12
C ASP B 358 -7.73 -6.89 27.76
N MET B 359 -7.43 -5.83 27.01
CA MET B 359 -6.06 -5.57 26.58
C MET B 359 -5.46 -4.37 27.31
N ALA B 360 -4.95 -4.61 28.52
CA ALA B 360 -4.34 -3.55 29.33
C ALA B 360 -3.24 -4.05 30.24
N ILE B 361 -2.03 -3.53 30.04
CA ILE B 361 -0.86 -3.92 30.83
C ILE B 361 -0.88 -3.28 32.22
N TYR B 362 -1.39 -2.05 32.31
CA TYR B 362 -1.43 -1.33 33.58
C TYR B 362 -2.82 -1.25 34.21
N ASN B 363 -2.95 -1.82 35.40
CA ASN B 363 -4.22 -1.80 36.13
C ASN B 363 -4.27 -0.47 36.91
N ARG B 364 -5.06 0.47 36.43
CA ARG B 364 -5.17 1.80 37.05
C ARG B 364 -5.76 1.83 38.47
N ASP B 365 -6.36 0.72 38.90
CA ASP B 365 -6.96 0.66 40.23
C ASP B 365 -6.02 0.17 41.31
N THR B 366 -5.34 -0.94 41.03
CA THR B 366 -4.43 -1.54 41.97
C THR B 366 -3.01 -1.00 41.80
N ARG B 367 -2.81 -0.24 40.73
CA ARG B 367 -1.50 0.34 40.44
C ARG B 367 -0.43 -0.75 40.26
N THR B 368 -0.77 -1.82 39.57
CA THR B 368 0.17 -2.89 39.31
C THR B 368 0.26 -3.12 37.80
N PHE B 369 1.30 -3.84 37.39
CA PHE B 369 1.50 -4.12 35.98
C PHE B 369 1.43 -5.61 35.68
N ASP B 370 1.18 -5.92 34.42
CA ASP B 370 1.13 -7.30 33.95
C ASP B 370 2.63 -7.54 33.73
N THR B 371 3.33 -7.81 34.83
CA THR B 371 4.77 -8.02 34.82
C THR B 371 5.34 -8.89 33.71
N GLU B 372 4.66 -9.99 33.40
CA GLU B 372 5.11 -10.90 32.36
C GLU B 372 5.18 -10.19 31.00
N ILE B 373 4.16 -9.37 30.71
CA ILE B 373 4.10 -8.64 29.46
C ILE B 373 5.17 -7.55 29.42
N LEU B 374 5.35 -6.85 30.54
CA LEU B 374 6.37 -5.81 30.58
C LEU B 374 7.71 -6.42 30.23
N ASN B 375 7.94 -7.64 30.75
CA ASN B 375 9.19 -8.34 30.48
C ASN B 375 9.32 -8.61 28.97
N ALA B 376 8.23 -9.07 28.36
CA ALA B 376 8.22 -9.36 26.93
C ALA B 376 8.57 -8.11 26.14
N LEU B 377 8.00 -6.99 26.57
CA LEU B 377 8.22 -5.70 25.90
C LEU B 377 9.67 -5.21 25.96
N PHE B 378 10.39 -5.57 27.02
CA PHE B 378 11.77 -5.14 27.18
C PHE B 378 12.80 -6.27 27.07
#